data_2EB0
#
_entry.id   2EB0
#
_cell.length_a   72.843
_cell.length_b   146.761
_cell.length_c   54.286
_cell.angle_alpha   90.00
_cell.angle_beta   90.00
_cell.angle_gamma   90.00
#
_symmetry.space_group_name_H-M   'P 21 21 2'
#
loop_
_entity.id
_entity.type
_entity.pdbx_description
1 polymer 'Manganese-dependent inorganic pyrophosphatase'
2 non-polymer 'MANGANESE (II) ION'
3 water water
#
_entity_poly.entity_id   1
_entity_poly.type   'polypeptide(L)'
_entity_poly.pdbx_seq_one_letter_code
;MRYVVGHKNPDTDSIASAIVLAYFLDCYPARLGDINPETEFVLRKFGVMEPELIESAKGKEIILVDHSEKSQSFDDLEEG
KLIAIIDHHKVGLTTTEPILYYAKPVGSTATVIAELYFKDAIDLIGGKKKELKPDLAGLLLSAIISDTVLFKSPTTTDLD
KEMAKKLAEIAGISNIEEFGMEILKAKSVVGKLKPEEIINMDFKNFDFNGKKVGIGQVEVIDVSEVESKKEDIYKLLEEK
LKNEGYDLIVFLITDIMKEGSEALVVGNKEMFEKAFNVKVEGNSVFLEGVMSRKKQVVPPLERAYNG
;
_entity_poly.pdbx_strand_id   A,B
#
loop_
_chem_comp.id
_chem_comp.type
_chem_comp.name
_chem_comp.formula
MN non-polymer 'MANGANESE (II) ION' 'Mn 2'
#
# COMPACT_ATOMS: atom_id res chain seq x y z
N MET A 1 12.29 -3.78 -19.14
CA MET A 1 10.97 -3.10 -19.10
C MET A 1 10.42 -3.06 -17.68
N ARG A 2 10.94 -3.93 -16.81
CA ARG A 2 10.50 -3.98 -15.43
C ARG A 2 11.69 -3.79 -14.50
N TYR A 3 11.61 -2.76 -13.67
CA TYR A 3 12.71 -2.43 -12.77
C TYR A 3 12.30 -2.29 -11.30
N VAL A 4 13.25 -2.62 -10.42
CA VAL A 4 13.06 -2.52 -8.98
C VAL A 4 13.97 -1.35 -8.57
N VAL A 5 13.36 -0.32 -7.99
CA VAL A 5 14.13 0.87 -7.60
C VAL A 5 13.78 1.36 -6.21
N GLY A 6 14.80 1.88 -5.52
CA GLY A 6 14.61 2.43 -4.19
C GLY A 6 14.35 3.93 -4.33
N HIS A 7 14.46 4.67 -3.23
CA HIS A 7 14.22 6.12 -3.29
C HIS A 7 15.43 6.91 -3.79
N LYS A 8 15.22 8.20 -4.08
CA LYS A 8 16.31 9.04 -4.54
C LYS A 8 17.30 9.08 -3.39
N ASN A 9 18.55 9.46 -3.68
CA ASN A 9 19.59 9.47 -2.64
C ASN A 9 19.45 8.13 -1.91
N PRO A 10 19.57 7.03 -2.66
CA PRO A 10 19.45 5.70 -2.10
C PRO A 10 20.45 5.38 -1.01
N ASP A 11 19.98 4.62 -0.03
CA ASP A 11 20.80 4.18 1.06
C ASP A 11 20.99 2.68 0.82
N THR A 12 21.63 1.99 1.75
CA THR A 12 21.87 0.57 1.57
C THR A 12 20.60 -0.25 1.41
N ASP A 13 19.56 0.04 2.21
CA ASP A 13 18.33 -0.73 2.12
C ASP A 13 17.74 -0.66 0.72
N SER A 14 17.72 0.56 0.15
CA SER A 14 17.17 0.78 -1.18
C SER A 14 17.94 0.04 -2.28
N ILE A 15 19.27 0.00 -2.17
CA ILE A 15 20.08 -0.67 -3.18
C ILE A 15 20.04 -2.19 -3.01
N ALA A 16 20.18 -2.67 -1.78
CA ALA A 16 20.16 -4.10 -1.52
C ALA A 16 18.79 -4.70 -1.78
N SER A 17 17.73 -4.02 -1.35
CA SER A 17 16.38 -4.53 -1.59
C SER A 17 16.07 -4.58 -3.07
N ALA A 18 16.54 -3.57 -3.81
CA ALA A 18 16.29 -3.53 -5.24
C ALA A 18 17.01 -4.67 -5.95
N ILE A 19 18.27 -4.89 -5.58
CA ILE A 19 19.07 -5.95 -6.17
C ILE A 19 18.53 -7.35 -5.85
N VAL A 20 18.22 -7.59 -4.59
CA VAL A 20 17.73 -8.92 -4.21
C VAL A 20 16.36 -9.21 -4.77
N LEU A 21 15.50 -8.21 -4.77
CA LEU A 21 14.15 -8.39 -5.29
C LEU A 21 14.18 -8.60 -6.79
N ALA A 22 15.03 -7.84 -7.48
CA ALA A 22 15.17 -7.98 -8.93
C ALA A 22 15.60 -9.42 -9.25
N TYR A 23 16.39 -10.00 -8.36
CA TYR A 23 16.87 -11.36 -8.51
C TYR A 23 15.71 -12.36 -8.44
N PHE A 24 14.85 -12.20 -7.43
CA PHE A 24 13.72 -13.10 -7.26
C PHE A 24 12.59 -12.87 -8.26
N LEU A 25 12.43 -11.63 -8.70
CA LEU A 25 11.39 -11.30 -9.66
C LEU A 25 11.87 -11.51 -11.09
N ASP A 26 13.17 -11.78 -11.24
CA ASP A 26 13.75 -11.99 -12.56
C ASP A 26 13.62 -10.77 -13.47
N CYS A 27 13.94 -9.59 -12.94
CA CYS A 27 13.90 -8.39 -13.76
C CYS A 27 15.14 -7.55 -13.46
N TYR A 28 15.09 -6.28 -13.80
CA TYR A 28 16.26 -5.42 -13.61
C TYR A 28 16.29 -4.59 -12.34
N PRO A 29 17.44 -4.56 -11.67
CA PRO A 29 17.52 -3.75 -10.46
C PRO A 29 17.99 -2.38 -10.95
N ALA A 30 17.71 -1.34 -10.18
CA ALA A 30 18.16 -0.01 -10.57
C ALA A 30 18.22 0.92 -9.37
N ARG A 31 18.76 2.12 -9.60
CA ARG A 31 18.88 3.12 -8.54
C ARG A 31 18.39 4.46 -9.07
N LEU A 32 17.80 5.26 -8.19
CA LEU A 32 17.30 6.58 -8.56
C LEU A 32 18.32 7.65 -8.23
N GLY A 33 19.56 7.23 -7.97
CA GLY A 33 20.63 8.17 -7.65
C GLY A 33 21.97 7.49 -7.36
N ASP A 34 22.96 8.27 -6.93
CA ASP A 34 24.28 7.73 -6.63
C ASP A 34 24.26 6.97 -5.32
N ILE A 35 25.15 6.00 -5.18
CA ILE A 35 25.20 5.23 -3.95
C ILE A 35 26.21 5.86 -3.00
N ASN A 36 25.88 5.83 -1.71
CA ASN A 36 26.75 6.41 -0.70
C ASN A 36 27.91 5.48 -0.40
N PRO A 37 28.90 5.96 0.40
CA PRO A 37 30.08 5.18 0.78
C PRO A 37 29.76 3.84 1.45
N GLU A 38 28.84 3.86 2.41
CA GLU A 38 28.45 2.65 3.11
C GLU A 38 27.96 1.58 2.13
N THR A 39 27.16 2.00 1.16
CA THR A 39 26.63 1.07 0.17
C THR A 39 27.78 0.60 -0.74
N GLU A 40 28.63 1.53 -1.16
CA GLU A 40 29.76 1.18 -2.01
C GLU A 40 30.60 0.13 -1.30
N PHE A 41 30.77 0.29 0.00
CA PHE A 41 31.54 -0.65 0.82
C PHE A 41 30.93 -2.04 0.75
N VAL A 42 29.64 -2.14 1.06
CA VAL A 42 28.95 -3.42 1.06
C VAL A 42 28.94 -4.12 -0.29
N LEU A 43 28.57 -3.41 -1.36
CA LEU A 43 28.53 -4.01 -2.68
C LEU A 43 29.89 -4.58 -3.04
N ARG A 44 30.93 -3.81 -2.73
CA ARG A 44 32.29 -4.23 -3.02
C ARG A 44 32.67 -5.46 -2.19
N LYS A 45 32.30 -5.44 -0.91
CA LYS A 45 32.62 -6.56 -0.04
C LYS A 45 32.02 -7.88 -0.51
N PHE A 46 30.73 -7.87 -0.84
CA PHE A 46 30.07 -9.10 -1.27
C PHE A 46 30.16 -9.41 -2.75
N GLY A 47 30.89 -8.58 -3.48
CA GLY A 47 31.07 -8.80 -4.91
C GLY A 47 29.87 -8.58 -5.82
N VAL A 48 29.00 -7.65 -5.44
CA VAL A 48 27.82 -7.36 -6.23
C VAL A 48 28.06 -6.04 -6.96
N MET A 49 27.67 -5.97 -8.23
CA MET A 49 27.89 -4.74 -8.97
C MET A 49 26.80 -3.71 -8.75
N GLU A 50 27.14 -2.45 -8.99
CA GLU A 50 26.21 -1.35 -8.84
C GLU A 50 25.13 -1.40 -9.91
N PRO A 51 23.86 -1.22 -9.51
CA PRO A 51 22.73 -1.25 -10.44
C PRO A 51 22.73 -0.03 -11.36
N GLU A 52 22.18 -0.20 -12.56
CA GLU A 52 22.09 0.87 -13.55
C GLU A 52 21.25 2.03 -13.01
N LEU A 53 21.58 3.23 -13.45
CA LEU A 53 20.83 4.41 -13.02
C LEU A 53 19.56 4.52 -13.86
N ILE A 54 18.48 4.94 -13.23
CA ILE A 54 17.21 5.13 -13.91
C ILE A 54 16.70 6.49 -13.46
N GLU A 55 16.13 7.28 -14.36
CA GLU A 55 15.66 8.59 -13.95
C GLU A 55 14.23 8.84 -14.37
N SER A 56 13.73 8.02 -15.29
CA SER A 56 12.38 8.16 -15.82
C SER A 56 11.64 6.82 -15.83
N ALA A 57 10.40 6.82 -15.38
CA ALA A 57 9.60 5.61 -15.37
C ALA A 57 8.76 5.51 -16.63
N LYS A 58 8.74 6.59 -17.40
CA LYS A 58 7.95 6.64 -18.62
C LYS A 58 8.09 5.38 -19.46
N GLY A 59 6.97 4.72 -19.72
CA GLY A 59 6.97 3.51 -20.52
C GLY A 59 7.61 2.29 -19.87
N LYS A 60 7.79 2.32 -18.55
CA LYS A 60 8.39 1.18 -17.86
C LYS A 60 7.50 0.61 -16.77
N GLU A 61 7.80 -0.60 -16.36
CA GLU A 61 7.06 -1.26 -15.28
C GLU A 61 7.94 -1.10 -14.06
N ILE A 62 7.38 -0.57 -12.98
CA ILE A 62 8.18 -0.33 -11.79
C ILE A 62 7.72 -0.98 -10.48
N ILE A 63 8.69 -1.54 -9.77
CA ILE A 63 8.45 -2.12 -8.46
C ILE A 63 9.23 -1.17 -7.54
N LEU A 64 8.55 -0.58 -6.57
CA LEU A 64 9.21 0.33 -5.65
C LEU A 64 9.53 -0.36 -4.31
N VAL A 65 10.75 -0.15 -3.83
CA VAL A 65 11.11 -0.70 -2.54
C VAL A 65 11.58 0.43 -1.64
N ASP A 66 11.30 0.28 -0.36
CA ASP A 66 11.77 1.22 0.62
C ASP A 66 11.21 2.66 0.62
N HIS A 67 10.04 2.86 0.02
CA HIS A 67 9.45 4.19 0.04
C HIS A 67 8.06 4.23 -0.58
N SER A 68 7.27 5.22 -0.16
CA SER A 68 5.93 5.39 -0.68
C SER A 68 5.59 6.86 -0.55
N GLU A 69 6.35 7.68 -1.27
CA GLU A 69 6.18 9.11 -1.29
C GLU A 69 6.63 9.54 -2.67
N LYS A 70 5.75 10.19 -3.42
CA LYS A 70 6.06 10.65 -4.76
C LYS A 70 7.37 11.44 -4.73
N SER A 71 7.48 12.35 -3.76
CA SER A 71 8.64 13.21 -3.57
C SER A 71 9.97 12.47 -3.46
N GLN A 72 9.93 11.18 -3.14
CA GLN A 72 11.16 10.40 -3.03
C GLN A 72 11.33 9.43 -4.19
N SER A 73 10.35 9.40 -5.08
CA SER A 73 10.37 8.49 -6.21
C SER A 73 10.45 9.21 -7.55
N PHE A 74 10.11 8.51 -8.63
CA PHE A 74 10.15 9.08 -9.97
C PHE A 74 9.22 10.29 -10.05
N ASP A 75 9.64 11.29 -10.82
CA ASP A 75 8.81 12.48 -11.00
C ASP A 75 7.68 12.14 -11.95
N ASP A 76 7.96 11.25 -12.88
CA ASP A 76 6.99 10.84 -13.90
C ASP A 76 6.42 9.43 -13.66
N LEU A 77 6.26 9.05 -12.40
CA LEU A 77 5.74 7.73 -12.08
C LEU A 77 4.47 7.39 -12.86
N GLU A 78 3.55 8.35 -12.92
CA GLU A 78 2.28 8.17 -13.62
C GLU A 78 2.44 7.75 -15.09
N GLU A 79 3.54 8.15 -15.71
CA GLU A 79 3.79 7.82 -17.11
C GLU A 79 4.30 6.40 -17.31
N GLY A 80 4.57 5.71 -16.21
CA GLY A 80 5.03 4.33 -16.29
C GLY A 80 3.92 3.48 -15.67
N LYS A 81 4.23 2.24 -15.32
CA LYS A 81 3.25 1.37 -14.70
C LYS A 81 3.74 0.82 -13.37
N LEU A 82 3.08 1.22 -12.29
CA LEU A 82 3.46 0.75 -10.96
C LEU A 82 2.97 -0.69 -10.77
N ILE A 83 3.90 -1.60 -10.49
CA ILE A 83 3.55 -3.00 -10.29
C ILE A 83 3.45 -3.35 -8.80
N ALA A 84 4.38 -2.82 -8.01
CA ALA A 84 4.39 -3.12 -6.60
C ALA A 84 5.21 -2.15 -5.77
N ILE A 85 4.99 -2.25 -4.46
CA ILE A 85 5.68 -1.47 -3.45
C ILE A 85 5.89 -2.41 -2.28
N ILE A 86 7.15 -2.60 -1.92
CA ILE A 86 7.53 -3.44 -0.79
C ILE A 86 8.24 -2.39 0.06
N ASP A 87 7.73 -2.18 1.27
CA ASP A 87 8.30 -1.12 2.09
C ASP A 87 8.03 -1.31 3.58
N HIS A 88 8.51 -0.38 4.39
CA HIS A 88 8.30 -0.44 5.83
C HIS A 88 7.94 0.94 6.40
N HIS A 89 7.61 1.87 5.50
CA HIS A 89 7.23 3.21 5.91
C HIS A 89 5.71 3.31 5.92
N LYS A 90 5.20 4.47 6.34
CA LYS A 90 3.77 4.72 6.37
C LYS A 90 3.35 4.84 4.92
N VAL A 91 2.07 4.60 4.64
CA VAL A 91 1.57 4.69 3.28
C VAL A 91 1.52 6.15 2.88
N GLY A 92 2.31 6.53 1.88
CA GLY A 92 2.32 7.91 1.44
C GLY A 92 1.99 8.04 -0.03
N LEU A 93 1.97 6.93 -0.74
CA LEU A 93 1.67 6.93 -2.17
C LEU A 93 0.28 6.38 -2.44
N THR A 94 -0.42 7.01 -3.39
CA THR A 94 -1.74 6.58 -3.78
C THR A 94 -1.59 6.09 -5.20
N THR A 95 -2.43 5.14 -5.62
CA THR A 95 -2.36 4.58 -6.97
C THR A 95 -3.73 4.59 -7.67
N THR A 96 -3.71 4.44 -8.98
CA THR A 96 -4.95 4.45 -9.77
C THR A 96 -5.40 3.04 -10.09
N GLU A 97 -4.49 2.09 -9.96
CA GLU A 97 -4.82 0.70 -10.23
C GLU A 97 -4.35 -0.19 -9.09
N PRO A 98 -4.95 -1.38 -8.97
CA PRO A 98 -4.55 -2.31 -7.91
C PRO A 98 -3.10 -2.69 -8.13
N ILE A 99 -2.31 -2.69 -7.07
CA ILE A 99 -0.92 -3.06 -7.19
C ILE A 99 -0.64 -4.05 -6.08
N LEU A 100 0.50 -4.72 -6.16
CA LEU A 100 0.91 -5.63 -5.12
C LEU A 100 1.54 -4.69 -4.09
N TYR A 101 0.98 -4.66 -2.89
CA TYR A 101 1.51 -3.80 -1.85
C TYR A 101 1.78 -4.63 -0.60
N TYR A 102 2.99 -4.53 -0.09
CA TYR A 102 3.34 -5.27 1.11
C TYR A 102 4.29 -4.44 1.95
N ALA A 103 3.77 -4.01 3.09
CA ALA A 103 4.53 -3.21 4.03
C ALA A 103 4.32 -3.79 5.44
N LYS A 104 5.31 -3.61 6.29
CA LYS A 104 5.27 -4.08 7.67
C LYS A 104 5.99 -3.05 8.53
N PRO A 105 5.53 -2.86 9.76
CA PRO A 105 6.18 -1.88 10.63
C PRO A 105 7.46 -2.46 11.25
N VAL A 106 8.47 -2.71 10.42
CA VAL A 106 9.73 -3.24 10.91
C VAL A 106 10.90 -2.29 10.63
N GLY A 107 12.09 -2.73 10.98
CA GLY A 107 13.29 -1.91 10.81
C GLY A 107 13.80 -1.60 9.41
N SER A 108 13.57 -2.48 8.45
CA SER A 108 14.05 -2.21 7.10
C SER A 108 13.25 -2.95 6.07
N THR A 109 13.48 -2.62 4.80
CA THR A 109 12.78 -3.30 3.72
C THR A 109 13.42 -4.68 3.57
N ALA A 110 14.72 -4.77 3.85
CA ALA A 110 15.42 -6.06 3.76
C ALA A 110 14.82 -7.06 4.73
N THR A 111 14.45 -6.59 5.93
CA THR A 111 13.84 -7.46 6.93
C THR A 111 12.56 -8.09 6.37
N VAL A 112 11.77 -7.28 5.66
CA VAL A 112 10.52 -7.76 5.08
C VAL A 112 10.76 -8.81 4.01
N ILE A 113 11.72 -8.54 3.13
CA ILE A 113 12.08 -9.46 2.05
C ILE A 113 12.57 -10.78 2.66
N ALA A 114 13.51 -10.65 3.59
CA ALA A 114 14.10 -11.81 4.24
C ALA A 114 13.07 -12.70 4.92
N GLU A 115 12.10 -12.11 5.62
CA GLU A 115 11.07 -12.89 6.30
C GLU A 115 10.22 -13.67 5.31
N LEU A 116 9.98 -13.08 4.14
CA LEU A 116 9.19 -13.76 3.13
C LEU A 116 10.02 -14.93 2.61
N TYR A 117 11.32 -14.72 2.45
CA TYR A 117 12.18 -15.77 1.93
C TYR A 117 12.28 -17.00 2.84
N PHE A 118 12.63 -16.78 4.11
CA PHE A 118 12.76 -17.89 5.04
C PHE A 118 11.43 -18.59 5.30
N LYS A 119 10.34 -17.83 5.22
CA LYS A 119 9.01 -18.38 5.45
C LYS A 119 8.51 -19.12 4.20
N ASP A 120 9.35 -19.21 3.18
CA ASP A 120 8.99 -19.87 1.93
C ASP A 120 7.82 -19.15 1.27
N ALA A 121 7.72 -17.85 1.48
CA ALA A 121 6.62 -17.08 0.91
C ALA A 121 7.04 -16.01 -0.10
N ILE A 122 8.24 -16.13 -0.65
CA ILE A 122 8.71 -15.17 -1.63
C ILE A 122 7.75 -15.08 -2.81
N ASP A 123 7.15 -16.21 -3.16
CA ASP A 123 6.21 -16.23 -4.28
C ASP A 123 4.99 -15.33 -4.05
N LEU A 124 4.75 -14.96 -2.79
CA LEU A 124 3.61 -14.11 -2.47
C LEU A 124 3.72 -12.71 -3.08
N ILE A 125 4.93 -12.30 -3.45
CA ILE A 125 5.11 -11.00 -4.06
C ILE A 125 5.74 -11.11 -5.43
N GLY A 126 5.52 -12.25 -6.08
CA GLY A 126 6.06 -12.46 -7.41
C GLY A 126 7.38 -13.20 -7.48
N GLY A 127 8.01 -13.44 -6.33
CA GLY A 127 9.28 -14.15 -6.29
C GLY A 127 9.22 -15.52 -6.93
N LYS A 128 10.31 -15.94 -7.58
CA LYS A 128 10.38 -17.22 -8.27
C LYS A 128 10.72 -18.45 -7.44
N LYS A 129 11.05 -18.27 -6.17
CA LYS A 129 11.42 -19.40 -5.31
C LYS A 129 12.79 -19.91 -5.75
N LYS A 130 13.77 -19.04 -5.59
CA LYS A 130 15.14 -19.35 -5.95
C LYS A 130 15.92 -19.35 -4.64
N GLU A 131 17.16 -19.83 -4.69
CA GLU A 131 17.98 -19.85 -3.49
C GLU A 131 18.55 -18.46 -3.25
N LEU A 132 18.76 -18.13 -1.99
CA LEU A 132 19.32 -16.83 -1.64
C LEU A 132 20.81 -17.08 -1.37
N LYS A 133 21.64 -16.76 -2.35
CA LYS A 133 23.08 -16.95 -2.23
C LYS A 133 23.67 -16.06 -1.15
N PRO A 134 24.85 -16.44 -0.61
CA PRO A 134 25.50 -15.65 0.44
C PRO A 134 25.82 -14.19 0.10
N ASP A 135 26.02 -13.88 -1.18
CA ASP A 135 26.32 -12.50 -1.56
C ASP A 135 25.08 -11.64 -1.36
N LEU A 136 23.93 -12.13 -1.82
CA LEU A 136 22.69 -11.40 -1.65
C LEU A 136 22.29 -11.40 -0.19
N ALA A 137 22.57 -12.51 0.51
CA ALA A 137 22.26 -12.61 1.93
C ALA A 137 23.11 -11.60 2.69
N GLY A 138 24.26 -11.28 2.11
CA GLY A 138 25.13 -10.31 2.74
C GLY A 138 24.58 -8.91 2.55
N LEU A 139 23.95 -8.67 1.39
CA LEU A 139 23.37 -7.37 1.11
C LEU A 139 22.19 -7.08 2.01
N LEU A 140 21.33 -8.09 2.20
CA LEU A 140 20.16 -7.92 3.05
C LEU A 140 20.59 -7.72 4.51
N LEU A 141 21.62 -8.44 4.93
CA LEU A 141 22.13 -8.32 6.29
C LEU A 141 22.61 -6.90 6.50
N SER A 142 23.41 -6.41 5.55
CA SER A 142 23.96 -5.05 5.62
C SER A 142 22.86 -3.99 5.63
N ALA A 143 21.76 -4.29 4.95
CA ALA A 143 20.63 -3.38 4.88
C ALA A 143 19.97 -3.25 6.25
N ILE A 144 19.76 -4.38 6.91
CA ILE A 144 19.16 -4.37 8.23
C ILE A 144 20.05 -3.58 9.19
N ILE A 145 21.34 -3.91 9.21
CA ILE A 145 22.30 -3.23 10.07
C ILE A 145 22.36 -1.75 9.74
N SER A 146 22.38 -1.43 8.45
CA SER A 146 22.44 -0.03 8.06
C SER A 146 21.20 0.72 8.52
N ASP A 147 20.03 0.15 8.23
CA ASP A 147 18.74 0.73 8.57
C ASP A 147 18.43 0.85 10.06
N THR A 148 18.92 -0.10 10.84
CA THR A 148 18.68 -0.09 12.26
C THR A 148 19.84 0.53 13.02
N VAL A 149 20.90 0.86 12.31
CA VAL A 149 22.11 1.42 12.92
C VAL A 149 22.59 0.43 13.98
N LEU A 150 22.82 -0.81 13.55
CA LEU A 150 23.26 -1.88 14.43
C LEU A 150 22.30 -2.12 15.59
N PHE A 151 21.01 -2.13 15.28
CA PHE A 151 19.97 -2.38 16.28
C PHE A 151 19.87 -1.36 17.41
N LYS A 152 20.49 -0.20 17.24
CA LYS A 152 20.47 0.85 18.26
C LYS A 152 19.30 1.81 18.04
N SER A 153 18.82 1.88 16.80
CA SER A 153 17.70 2.77 16.47
C SER A 153 16.38 2.24 17.01
N PRO A 154 15.52 3.14 17.53
CA PRO A 154 14.23 2.74 18.08
C PRO A 154 13.28 2.08 17.08
N THR A 155 13.65 2.05 15.80
CA THR A 155 12.79 1.39 14.80
C THR A 155 13.13 -0.09 14.80
N THR A 156 14.19 -0.45 15.51
CA THR A 156 14.64 -1.83 15.58
C THR A 156 13.57 -2.70 16.27
N THR A 157 13.28 -3.84 15.66
CA THR A 157 12.29 -4.77 16.21
C THR A 157 12.91 -6.16 16.29
N ASP A 158 12.20 -7.07 16.94
CA ASP A 158 12.68 -8.44 17.10
C ASP A 158 12.89 -9.14 15.77
N LEU A 159 12.01 -8.85 14.81
CA LEU A 159 12.12 -9.46 13.49
C LEU A 159 13.44 -9.07 12.84
N ASP A 160 13.83 -7.82 13.03
CA ASP A 160 15.07 -7.32 12.46
C ASP A 160 16.27 -8.13 12.96
N LYS A 161 16.35 -8.31 14.27
CA LYS A 161 17.46 -9.07 14.85
C LYS A 161 17.42 -10.52 14.39
N GLU A 162 16.26 -11.14 14.53
CA GLU A 162 16.06 -12.54 14.14
C GLU A 162 16.41 -12.77 12.67
N MET A 163 16.15 -11.79 11.83
CA MET A 163 16.45 -11.95 10.42
C MET A 163 17.95 -11.75 10.17
N ALA A 164 18.53 -10.78 10.88
CA ALA A 164 19.96 -10.50 10.77
C ALA A 164 20.73 -11.78 11.10
N LYS A 165 20.32 -12.46 12.16
CA LYS A 165 20.96 -13.69 12.59
C LYS A 165 20.96 -14.73 11.49
N LYS A 166 19.80 -14.94 10.88
CA LYS A 166 19.67 -15.92 9.80
C LYS A 166 20.46 -15.57 8.55
N LEU A 167 20.40 -14.31 8.14
CA LEU A 167 21.12 -13.85 6.97
C LEU A 167 22.63 -13.90 7.23
N ALA A 168 23.01 -13.58 8.46
CA ALA A 168 24.41 -13.59 8.86
C ALA A 168 25.01 -14.98 8.65
N GLU A 169 24.16 -16.00 8.80
CA GLU A 169 24.54 -17.39 8.63
C GLU A 169 24.83 -17.68 7.16
N ILE A 170 23.85 -17.40 6.30
CA ILE A 170 24.00 -17.65 4.87
C ILE A 170 25.12 -16.79 4.30
N ALA A 171 25.28 -15.58 4.83
CA ALA A 171 26.30 -14.66 4.38
C ALA A 171 27.69 -15.07 4.87
N GLY A 172 27.72 -15.85 5.94
CA GLY A 172 28.99 -16.29 6.48
C GLY A 172 29.62 -15.32 7.47
N ILE A 173 28.83 -14.37 7.94
CA ILE A 173 29.36 -13.41 8.92
C ILE A 173 29.20 -14.01 10.32
N SER A 174 30.33 -14.29 10.95
CA SER A 174 30.35 -14.89 12.29
C SER A 174 30.07 -13.88 13.38
N ASN A 175 30.60 -12.67 13.23
CA ASN A 175 30.41 -11.63 14.25
C ASN A 175 29.66 -10.40 13.72
N ILE A 176 28.33 -10.44 13.81
CA ILE A 176 27.52 -9.32 13.34
C ILE A 176 27.91 -8.01 14.01
N GLU A 177 28.23 -8.08 15.30
CA GLU A 177 28.64 -6.90 16.05
C GLU A 177 29.85 -6.22 15.40
N GLU A 178 30.83 -7.03 15.02
CA GLU A 178 32.04 -6.49 14.40
C GLU A 178 31.81 -6.07 12.95
N PHE A 179 31.10 -6.90 12.19
CA PHE A 179 30.82 -6.56 10.80
C PHE A 179 29.97 -5.29 10.81
N GLY A 180 29.04 -5.22 11.75
CA GLY A 180 28.20 -4.05 11.86
C GLY A 180 29.03 -2.81 12.09
N MET A 181 30.02 -2.92 12.97
CA MET A 181 30.90 -1.80 13.27
C MET A 181 31.62 -1.32 12.03
N GLU A 182 31.94 -2.24 11.13
CA GLU A 182 32.62 -1.90 9.89
C GLU A 182 31.67 -1.04 9.07
N ILE A 183 30.39 -1.43 9.07
CA ILE A 183 29.36 -0.71 8.33
C ILE A 183 29.17 0.68 8.92
N LEU A 184 29.14 0.77 10.24
CA LEU A 184 28.97 2.06 10.91
C LEU A 184 30.12 3.00 10.58
N LYS A 185 31.29 2.43 10.28
CA LYS A 185 32.46 3.22 9.93
C LYS A 185 32.34 3.78 8.51
N ALA A 186 31.90 2.94 7.58
CA ALA A 186 31.73 3.37 6.19
C ALA A 186 30.67 4.44 6.14
N LYS A 187 29.71 4.34 7.06
CA LYS A 187 28.63 5.32 7.14
C LYS A 187 29.23 6.65 7.61
N SER A 188 30.22 6.54 8.49
CA SER A 188 30.90 7.71 9.06
C SER A 188 31.81 8.49 8.10
N VAL A 189 32.38 7.82 7.11
CA VAL A 189 33.27 8.52 6.19
C VAL A 189 32.59 9.68 5.49
N VAL A 190 31.27 9.74 5.52
CA VAL A 190 30.55 10.83 4.87
C VAL A 190 31.03 12.17 5.46
N GLY A 191 31.43 12.13 6.73
CA GLY A 191 31.90 13.33 7.41
C GLY A 191 33.11 14.01 6.78
N LYS A 192 33.93 13.25 6.05
CA LYS A 192 35.12 13.82 5.42
C LYS A 192 34.83 14.48 4.08
N LEU A 193 33.62 14.30 3.56
CA LEU A 193 33.27 14.88 2.27
C LEU A 193 32.92 16.37 2.38
N LYS A 194 32.84 17.03 1.22
CA LYS A 194 32.50 18.44 1.18
C LYS A 194 31.07 18.64 1.67
N PRO A 195 30.77 19.80 2.26
CA PRO A 195 29.42 20.08 2.78
C PRO A 195 28.30 19.76 1.77
N GLU A 196 28.50 20.12 0.52
CA GLU A 196 27.49 19.87 -0.51
C GLU A 196 27.25 18.37 -0.68
N GLU A 197 28.33 17.58 -0.64
CA GLU A 197 28.23 16.14 -0.78
C GLU A 197 27.50 15.54 0.42
N ILE A 198 27.77 16.10 1.59
CA ILE A 198 27.17 15.63 2.83
C ILE A 198 25.66 15.84 2.87
N ILE A 199 25.20 17.02 2.43
CA ILE A 199 23.76 17.30 2.46
C ILE A 199 23.00 16.48 1.40
N ASN A 200 23.58 16.33 0.21
CA ASN A 200 22.92 15.60 -0.85
C ASN A 200 23.15 14.09 -0.82
N MET A 201 23.77 13.62 0.26
CA MET A 201 24.05 12.19 0.40
C MET A 201 22.80 11.45 0.84
N ASP A 202 22.12 11.98 1.85
CA ASP A 202 20.91 11.34 2.38
C ASP A 202 19.81 12.34 2.72
N PHE A 203 19.26 12.99 1.71
CA PHE A 203 18.21 13.98 1.92
C PHE A 203 16.88 13.42 1.41
N LYS A 204 15.82 13.62 2.18
CA LYS A 204 14.49 13.15 1.78
C LYS A 204 13.48 14.29 1.76
N ASN A 205 12.56 14.24 0.80
CA ASN A 205 11.54 15.26 0.66
C ASN A 205 10.16 14.79 1.09
N PHE A 206 9.41 15.71 1.69
CA PHE A 206 8.07 15.41 2.17
C PHE A 206 7.10 16.54 1.83
N ASP A 207 5.82 16.23 1.83
CA ASP A 207 4.80 17.21 1.53
C ASP A 207 3.76 17.20 2.65
N PHE A 208 4.04 17.94 3.71
CA PHE A 208 3.14 17.98 4.83
C PHE A 208 2.09 19.07 4.67
N ASN A 209 0.88 18.65 4.29
CA ASN A 209 -0.24 19.54 4.10
C ASN A 209 0.05 20.66 3.10
N GLY A 210 0.68 20.31 1.98
CA GLY A 210 0.98 21.30 0.97
C GLY A 210 2.30 22.03 1.09
N LYS A 211 2.94 21.94 2.25
CA LYS A 211 4.22 22.61 2.45
C LYS A 211 5.39 21.68 2.18
N LYS A 212 6.26 22.08 1.26
CA LYS A 212 7.44 21.30 0.93
C LYS A 212 8.41 21.33 2.11
N VAL A 213 8.80 20.15 2.58
CA VAL A 213 9.71 20.02 3.71
C VAL A 213 10.79 18.98 3.43
N GLY A 214 12.03 19.32 3.77
CA GLY A 214 13.13 18.41 3.56
C GLY A 214 13.78 18.01 4.87
N ILE A 215 14.26 16.77 4.94
CA ILE A 215 14.92 16.26 6.13
C ILE A 215 16.14 15.45 5.73
N GLY A 216 17.32 16.05 5.90
CA GLY A 216 18.55 15.37 5.56
C GLY A 216 19.17 14.75 6.80
N GLN A 217 20.19 13.92 6.63
CA GLN A 217 20.81 13.30 7.78
C GLN A 217 22.26 12.86 7.54
N VAL A 218 22.97 12.68 8.65
CA VAL A 218 24.35 12.23 8.61
C VAL A 218 24.46 11.42 9.89
N GLU A 219 25.00 10.22 9.77
CA GLU A 219 25.15 9.33 10.91
C GLU A 219 26.62 8.98 11.10
N VAL A 220 27.23 9.58 12.12
CA VAL A 220 28.63 9.34 12.41
C VAL A 220 28.89 8.81 13.82
N ILE A 221 30.08 8.25 14.00
CA ILE A 221 30.51 7.71 15.27
C ILE A 221 31.10 8.88 16.07
N ASP A 222 31.82 9.76 15.38
CA ASP A 222 32.44 10.93 15.99
C ASP A 222 32.02 12.19 15.23
N VAL A 223 31.18 12.99 15.86
CA VAL A 223 30.66 14.20 15.24
C VAL A 223 31.67 15.32 14.99
N SER A 224 32.81 15.26 15.67
CA SER A 224 33.84 16.29 15.52
C SER A 224 34.05 16.75 14.07
N GLU A 225 34.11 15.80 13.16
CA GLU A 225 34.31 16.09 11.74
C GLU A 225 33.22 16.96 11.11
N VAL A 226 31.99 16.49 11.16
CA VAL A 226 30.86 17.21 10.58
C VAL A 226 30.63 18.59 11.22
N GLU A 227 30.88 18.69 12.52
CA GLU A 227 30.68 19.94 13.25
C GLU A 227 31.54 21.09 12.74
N SER A 228 32.73 20.77 12.24
CA SER A 228 33.60 21.80 11.71
C SER A 228 33.07 22.27 10.36
N LYS A 229 32.19 21.48 9.77
CA LYS A 229 31.59 21.81 8.48
C LYS A 229 30.16 22.32 8.66
N LYS A 230 29.66 22.18 9.89
CA LYS A 230 28.31 22.59 10.25
C LYS A 230 27.93 23.97 9.71
N GLU A 231 28.80 24.95 9.92
CA GLU A 231 28.56 26.31 9.47
C GLU A 231 28.34 26.38 7.95
N ASP A 232 29.19 25.72 7.20
CA ASP A 232 29.06 25.72 5.75
C ASP A 232 27.81 24.95 5.33
N ILE A 233 27.53 23.85 6.05
CA ILE A 233 26.36 23.03 5.77
C ILE A 233 25.11 23.87 5.94
N TYR A 234 24.94 24.38 7.16
CA TYR A 234 23.79 25.21 7.50
C TYR A 234 23.62 26.33 6.47
N LYS A 235 24.73 26.78 5.90
CA LYS A 235 24.68 27.84 4.91
C LYS A 235 24.11 27.36 3.58
N LEU A 236 24.60 26.22 3.11
CA LEU A 236 24.13 25.65 1.85
C LEU A 236 22.64 25.30 1.95
N LEU A 237 22.20 24.90 3.15
CA LEU A 237 20.81 24.55 3.37
C LEU A 237 19.90 25.77 3.26
N GLU A 238 20.34 26.90 3.81
CA GLU A 238 19.54 28.12 3.74
C GLU A 238 19.32 28.47 2.27
N GLU A 239 20.37 28.26 1.46
CA GLU A 239 20.28 28.53 0.03
C GLU A 239 19.33 27.54 -0.64
N LYS A 240 19.53 26.26 -0.35
CA LYS A 240 18.69 25.20 -0.90
C LYS A 240 17.23 25.50 -0.55
N LEU A 241 17.00 25.93 0.68
CA LEU A 241 15.67 26.25 1.18
C LEU A 241 14.95 27.28 0.31
N LYS A 242 15.60 28.41 0.07
CA LYS A 242 15.00 29.48 -0.73
C LYS A 242 14.97 29.18 -2.22
N ASN A 243 16.08 28.66 -2.74
CA ASN A 243 16.18 28.36 -4.16
C ASN A 243 15.32 27.21 -4.66
N GLU A 244 14.97 26.26 -3.79
CA GLU A 244 14.16 25.12 -4.20
C GLU A 244 12.77 25.12 -3.55
N GLY A 245 12.38 26.28 -3.03
CA GLY A 245 11.08 26.43 -2.43
C GLY A 245 10.68 25.55 -1.26
N TYR A 246 11.57 25.35 -0.30
CA TYR A 246 11.21 24.55 0.86
C TYR A 246 10.58 25.48 1.88
N ASP A 247 9.70 24.95 2.71
CA ASP A 247 9.07 25.75 3.75
C ASP A 247 9.85 25.49 5.03
N LEU A 248 10.63 24.42 5.00
CA LEU A 248 11.43 24.05 6.16
C LEU A 248 12.41 22.96 5.75
N ILE A 249 13.55 22.96 6.45
CA ILE A 249 14.59 21.96 6.22
C ILE A 249 15.19 21.59 7.56
N VAL A 250 15.16 20.30 7.86
CA VAL A 250 15.72 19.80 9.09
C VAL A 250 16.91 18.94 8.71
N PHE A 251 18.06 19.23 9.30
CA PHE A 251 19.23 18.44 9.00
C PHE A 251 19.75 17.83 10.27
N LEU A 252 19.72 16.50 10.31
CA LEU A 252 20.14 15.77 11.48
C LEU A 252 21.61 15.34 11.47
N ILE A 253 22.34 15.76 12.51
CA ILE A 253 23.73 15.38 12.68
C ILE A 253 23.56 14.33 13.78
N THR A 254 23.40 13.08 13.37
CA THR A 254 23.18 12.02 14.33
C THR A 254 24.44 11.37 14.89
N ASP A 255 24.60 11.49 16.19
CA ASP A 255 25.74 10.92 16.87
C ASP A 255 25.34 9.48 17.20
N ILE A 256 25.98 8.53 16.55
CA ILE A 256 25.69 7.11 16.75
C ILE A 256 25.98 6.65 18.17
N MET A 257 27.02 7.22 18.78
CA MET A 257 27.41 6.81 20.12
C MET A 257 26.52 7.33 21.25
N LYS A 258 26.00 8.54 21.11
CA LYS A 258 25.13 9.10 22.14
C LYS A 258 23.68 8.81 21.77
N GLU A 259 23.47 8.27 20.58
CA GLU A 259 22.15 7.94 20.09
C GLU A 259 21.19 9.11 20.18
N GLY A 260 21.64 10.26 19.68
CA GLY A 260 20.83 11.47 19.69
C GLY A 260 21.27 12.30 18.49
N SER A 261 20.54 13.37 18.17
CA SER A 261 20.92 14.17 17.03
C SER A 261 20.84 15.67 17.25
N GLU A 262 21.69 16.40 16.54
CA GLU A 262 21.68 17.84 16.61
C GLU A 262 20.85 18.16 15.38
N ALA A 263 19.73 18.86 15.57
CA ALA A 263 18.85 19.17 14.45
C ALA A 263 18.96 20.60 13.96
N LEU A 264 19.61 20.78 12.82
CA LEU A 264 19.74 22.11 12.24
C LEU A 264 18.38 22.47 11.64
N VAL A 265 17.82 23.59 12.07
CA VAL A 265 16.52 24.03 11.58
C VAL A 265 16.65 25.23 10.65
N VAL A 266 16.15 25.07 9.43
CA VAL A 266 16.20 26.12 8.41
C VAL A 266 14.81 26.45 7.91
N GLY A 267 14.50 27.74 7.83
CA GLY A 267 13.19 28.16 7.36
C GLY A 267 12.22 28.43 8.49
N ASN A 268 11.02 27.88 8.37
CA ASN A 268 9.99 28.07 9.38
C ASN A 268 10.30 27.34 10.69
N LYS A 269 11.06 27.99 11.55
CA LYS A 269 11.44 27.40 12.84
C LYS A 269 10.22 27.29 13.74
N GLU A 270 9.27 28.20 13.54
CA GLU A 270 8.05 28.21 14.35
C GLU A 270 7.40 26.82 14.34
N MET A 271 7.20 26.30 13.13
CA MET A 271 6.58 24.99 12.98
C MET A 271 7.43 23.90 13.63
N PHE A 272 8.74 24.02 13.49
CA PHE A 272 9.64 23.04 14.08
C PHE A 272 9.48 23.12 15.60
N GLU A 273 9.51 24.34 16.10
CA GLU A 273 9.35 24.59 17.53
C GLU A 273 8.01 24.06 18.02
N LYS A 274 6.99 24.18 17.18
CA LYS A 274 5.65 23.70 17.52
C LYS A 274 5.62 22.17 17.43
N ALA A 275 6.39 21.63 16.49
CA ALA A 275 6.47 20.19 16.29
C ALA A 275 7.18 19.49 17.44
N PHE A 276 8.29 20.05 17.89
CA PHE A 276 9.04 19.47 19.00
C PHE A 276 8.93 20.34 20.25
N VAL A 280 14.25 26.37 20.56
CA VAL A 280 15.37 26.37 19.62
C VAL A 280 16.11 27.70 19.71
N GLU A 281 17.20 27.72 20.48
CA GLU A 281 17.98 28.93 20.67
C GLU A 281 18.36 29.66 19.38
N GLY A 282 19.22 29.07 18.56
CA GLY A 282 19.61 29.76 17.35
C GLY A 282 19.80 28.98 16.07
N ASN A 283 20.86 28.19 16.02
CA ASN A 283 21.19 27.40 14.85
C ASN A 283 20.44 26.06 14.84
N SER A 284 20.45 25.41 15.99
CA SER A 284 19.79 24.12 16.12
C SER A 284 19.61 23.75 17.58
N VAL A 285 19.20 22.51 17.82
CA VAL A 285 18.98 22.01 19.17
C VAL A 285 19.27 20.53 19.17
N PHE A 286 19.68 19.99 20.30
CA PHE A 286 19.98 18.57 20.39
C PHE A 286 18.76 17.81 20.90
N LEU A 287 18.45 16.69 20.24
CA LEU A 287 17.31 15.88 20.62
C LEU A 287 17.76 14.50 21.11
N GLU A 288 17.96 14.39 22.41
CA GLU A 288 18.39 13.16 23.04
C GLU A 288 17.59 11.95 22.55
N GLY A 289 18.28 10.85 22.27
CA GLY A 289 17.60 9.64 21.83
C GLY A 289 17.02 9.64 20.43
N VAL A 290 17.14 10.74 19.70
CA VAL A 290 16.61 10.84 18.34
C VAL A 290 17.61 10.37 17.28
N MET A 291 17.24 9.31 16.56
CA MET A 291 18.08 8.74 15.52
C MET A 291 17.33 8.53 14.20
N SER A 292 16.10 8.02 14.30
CA SER A 292 15.28 7.74 13.14
C SER A 292 14.47 8.90 12.61
N ARG A 293 14.69 9.24 11.35
CA ARG A 293 13.95 10.33 10.73
C ARG A 293 12.47 9.96 10.62
N LYS A 294 12.21 8.82 9.99
CA LYS A 294 10.86 8.34 9.78
C LYS A 294 10.04 8.18 11.06
N LYS A 295 10.66 7.59 12.09
CA LYS A 295 9.97 7.34 13.34
C LYS A 295 9.92 8.52 14.30
N GLN A 296 11.05 9.18 14.51
CA GLN A 296 11.13 10.28 15.46
C GLN A 296 11.07 11.72 14.95
N VAL A 297 11.16 11.93 13.64
CA VAL A 297 11.12 13.30 13.15
C VAL A 297 9.95 13.62 12.21
N VAL A 298 9.67 12.72 11.28
CA VAL A 298 8.58 12.94 10.34
C VAL A 298 7.20 13.06 11.00
N PRO A 299 6.85 12.16 11.93
CA PRO A 299 5.55 12.20 12.60
C PRO A 299 5.20 13.51 13.32
N PRO A 300 5.99 13.90 14.33
CA PRO A 300 5.65 15.15 15.01
C PRO A 300 5.66 16.37 14.09
N LEU A 301 6.35 16.24 12.95
CA LEU A 301 6.45 17.32 11.99
C LEU A 301 5.21 17.40 11.10
N GLU A 302 4.77 16.26 10.61
CA GLU A 302 3.58 16.20 9.75
C GLU A 302 2.37 16.54 10.61
N ARG A 303 2.39 16.09 11.85
CA ARG A 303 1.31 16.34 12.80
C ARG A 303 1.13 17.84 13.03
N ALA A 304 2.23 18.60 12.95
CA ALA A 304 2.18 20.03 13.15
C ALA A 304 1.78 20.83 11.90
N TYR A 305 2.15 20.34 10.72
CA TYR A 305 1.80 21.04 9.48
C TYR A 305 0.35 20.95 9.07
N ASN A 306 -0.31 19.84 9.41
CA ASN A 306 -1.72 19.68 9.04
C ASN A 306 -2.58 19.64 10.29
N GLY A 307 -2.22 20.46 11.27
CA GLY A 307 -2.99 20.52 12.51
C GLY A 307 -3.22 21.96 12.93
N MET B 1 -12.16 -2.49 21.24
CA MET B 1 -11.25 -3.65 20.97
C MET B 1 -10.80 -3.69 19.50
N ARG B 2 -10.31 -4.85 19.07
CA ARG B 2 -9.83 -5.04 17.70
C ARG B 2 -10.92 -5.60 16.77
N TYR B 3 -11.17 -4.88 15.68
CA TYR B 3 -12.20 -5.26 14.71
C TYR B 3 -11.67 -5.35 13.28
N VAL B 4 -12.17 -6.32 12.53
CA VAL B 4 -11.83 -6.49 11.13
C VAL B 4 -13.09 -6.01 10.40
N VAL B 5 -12.98 -4.97 9.58
CA VAL B 5 -14.15 -4.44 8.90
C VAL B 5 -13.99 -4.22 7.41
N GLY B 6 -15.09 -4.44 6.68
CA GLY B 6 -15.09 -4.24 5.25
C GLY B 6 -15.60 -2.82 4.99
N HIS B 7 -15.92 -2.53 3.74
CA HIS B 7 -16.37 -1.19 3.37
C HIS B 7 -17.88 -0.96 3.44
N LYS B 8 -18.26 0.31 3.34
CA LYS B 8 -19.67 0.68 3.36
C LYS B 8 -20.35 -0.02 2.18
N ASN B 9 -21.65 -0.30 2.30
CA ASN B 9 -22.39 -1.02 1.26
C ASN B 9 -21.63 -2.30 0.99
N PRO B 10 -21.42 -3.12 2.05
CA PRO B 10 -20.70 -4.38 1.99
C PRO B 10 -21.19 -5.43 0.99
N ASP B 11 -20.26 -6.07 0.31
CA ASP B 11 -20.60 -7.13 -0.61
C ASP B 11 -20.10 -8.40 0.10
N THR B 12 -20.30 -9.54 -0.54
CA THR B 12 -19.89 -10.80 0.05
C THR B 12 -18.40 -10.89 0.39
N ASP B 13 -17.55 -10.33 -0.46
CA ASP B 13 -16.11 -10.37 -0.20
C ASP B 13 -15.82 -9.64 1.11
N SER B 14 -16.37 -8.44 1.27
CA SER B 14 -16.20 -7.64 2.47
C SER B 14 -16.66 -8.35 3.74
N ILE B 15 -17.78 -9.07 3.66
CA ILE B 15 -18.34 -9.77 4.81
C ILE B 15 -17.55 -11.02 5.14
N ALA B 16 -17.36 -11.90 4.15
CA ALA B 16 -16.60 -13.13 4.33
C ALA B 16 -15.17 -12.86 4.79
N SER B 17 -14.49 -11.93 4.12
CA SER B 17 -13.12 -11.61 4.50
C SER B 17 -13.01 -11.06 5.92
N ALA B 18 -14.02 -10.34 6.37
CA ALA B 18 -14.01 -9.78 7.72
C ALA B 18 -14.16 -10.90 8.73
N ILE B 19 -15.11 -11.80 8.47
CA ILE B 19 -15.38 -12.92 9.35
C ILE B 19 -14.20 -13.88 9.45
N VAL B 20 -13.70 -14.32 8.30
CA VAL B 20 -12.59 -15.26 8.25
C VAL B 20 -11.30 -14.70 8.84
N LEU B 21 -10.96 -13.45 8.50
CA LEU B 21 -9.73 -12.88 9.03
C LEU B 21 -9.87 -12.68 10.55
N ALA B 22 -11.06 -12.26 10.98
CA ALA B 22 -11.31 -12.06 12.41
C ALA B 22 -11.11 -13.38 13.14
N TYR B 23 -11.55 -14.46 12.50
CA TYR B 23 -11.41 -15.80 13.08
C TYR B 23 -9.92 -16.14 13.26
N PHE B 24 -9.12 -15.86 12.23
CA PHE B 24 -7.68 -16.14 12.27
C PHE B 24 -6.93 -15.19 13.20
N LEU B 25 -7.35 -13.94 13.24
CA LEU B 25 -6.69 -12.95 14.08
C LEU B 25 -7.27 -12.89 15.48
N ASP B 26 -8.29 -13.71 15.73
CA ASP B 26 -8.96 -13.78 17.02
C ASP B 26 -9.51 -12.47 17.54
N CYS B 27 -10.13 -11.69 16.66
CA CYS B 27 -10.74 -10.44 17.09
C CYS B 27 -12.18 -10.41 16.62
N TYR B 28 -12.83 -9.27 16.70
CA TYR B 28 -14.23 -9.17 16.30
C TYR B 28 -14.51 -8.82 14.83
N PRO B 29 -15.42 -9.57 14.20
CA PRO B 29 -15.80 -9.31 12.80
C PRO B 29 -16.85 -8.21 12.83
N ALA B 30 -16.92 -7.40 11.78
CA ALA B 30 -17.91 -6.34 11.76
C ALA B 30 -18.19 -5.90 10.33
N ARG B 31 -19.22 -5.08 10.18
CA ARG B 31 -19.65 -4.56 8.89
C ARG B 31 -20.00 -3.07 9.01
N LEU B 32 -19.88 -2.35 7.92
CA LEU B 32 -20.18 -0.91 7.90
C LEU B 32 -21.51 -0.60 7.24
N GLY B 33 -22.26 -1.64 6.87
CA GLY B 33 -23.54 -1.43 6.23
C GLY B 33 -24.41 -2.67 6.22
N ASP B 34 -25.58 -2.58 5.58
CA ASP B 34 -26.49 -3.72 5.52
C ASP B 34 -26.04 -4.75 4.50
N ILE B 35 -26.34 -6.02 4.77
CA ILE B 35 -25.97 -7.13 3.91
C ILE B 35 -26.92 -7.25 2.72
N ASN B 36 -26.38 -7.55 1.54
CA ASN B 36 -27.21 -7.70 0.35
C ASN B 36 -27.78 -9.10 0.26
N PRO B 37 -28.75 -9.33 -0.66
CA PRO B 37 -29.37 -10.65 -0.82
C PRO B 37 -28.36 -11.80 -1.06
N GLU B 38 -27.35 -11.53 -1.88
CA GLU B 38 -26.34 -12.54 -2.18
C GLU B 38 -25.60 -13.01 -0.94
N THR B 39 -25.19 -12.08 -0.11
CA THR B 39 -24.46 -12.40 1.10
C THR B 39 -25.37 -13.13 2.09
N GLU B 40 -26.60 -12.67 2.22
CA GLU B 40 -27.54 -13.32 3.12
C GLU B 40 -27.63 -14.79 2.72
N PHE B 41 -27.75 -15.02 1.42
CA PHE B 41 -27.83 -16.36 0.86
C PHE B 41 -26.61 -17.18 1.25
N VAL B 42 -25.43 -16.62 1.02
CA VAL B 42 -24.16 -17.28 1.32
C VAL B 42 -24.00 -17.57 2.82
N LEU B 43 -24.37 -16.62 3.67
CA LEU B 43 -24.26 -16.81 5.11
C LEU B 43 -25.18 -17.93 5.57
N ARG B 44 -26.44 -17.85 5.18
CA ARG B 44 -27.40 -18.89 5.53
C ARG B 44 -26.90 -20.25 5.05
N LYS B 45 -26.36 -20.27 3.83
CA LYS B 45 -25.88 -21.51 3.25
C LYS B 45 -24.85 -22.23 4.11
N PHE B 46 -23.87 -21.51 4.64
CA PHE B 46 -22.85 -22.16 5.45
C PHE B 46 -23.05 -22.07 6.94
N GLY B 47 -24.26 -21.72 7.35
CA GLY B 47 -24.57 -21.62 8.76
C GLY B 47 -23.66 -20.70 9.53
N VAL B 48 -23.36 -19.55 8.94
CA VAL B 48 -22.51 -18.55 9.56
C VAL B 48 -23.32 -17.32 9.98
N MET B 49 -23.10 -16.84 11.19
CA MET B 49 -23.81 -15.67 11.70
C MET B 49 -23.33 -14.37 11.06
N GLU B 50 -24.26 -13.45 10.87
CA GLU B 50 -23.99 -12.13 10.29
C GLU B 50 -23.19 -11.26 11.27
N PRO B 51 -22.05 -10.69 10.83
CA PRO B 51 -21.18 -9.83 11.63
C PRO B 51 -21.91 -8.63 12.23
N GLU B 52 -21.47 -8.17 13.39
CA GLU B 52 -22.10 -7.02 14.04
C GLU B 52 -21.86 -5.73 13.25
N LEU B 53 -22.84 -4.85 13.27
CA LEU B 53 -22.77 -3.57 12.58
C LEU B 53 -22.16 -2.48 13.47
N ILE B 54 -21.17 -1.75 12.96
CA ILE B 54 -20.57 -0.65 13.72
C ILE B 54 -20.52 0.56 12.81
N GLU B 55 -20.27 1.74 13.38
CA GLU B 55 -20.26 2.96 12.58
C GLU B 55 -19.13 3.91 12.93
N SER B 56 -18.59 3.78 14.13
CA SER B 56 -17.53 4.66 14.57
C SER B 56 -16.26 3.90 14.94
N ALA B 57 -15.12 4.41 14.49
CA ALA B 57 -13.85 3.76 14.76
C ALA B 57 -13.22 4.29 16.05
N LYS B 58 -13.77 5.37 16.57
CA LYS B 58 -13.23 5.98 17.79
C LYS B 58 -12.99 5.00 18.92
N GLY B 59 -11.76 4.97 19.42
CA GLY B 59 -11.43 4.07 20.52
C GLY B 59 -11.31 2.61 20.12
N LYS B 60 -11.36 2.34 18.83
CA LYS B 60 -11.26 0.97 18.33
C LYS B 60 -9.95 0.71 17.59
N GLU B 61 -9.50 -0.55 17.61
CA GLU B 61 -8.31 -0.90 16.85
C GLU B 61 -8.89 -1.52 15.58
N ILE B 62 -8.58 -0.90 14.45
CA ILE B 62 -9.13 -1.34 13.19
C ILE B 62 -8.21 -2.05 12.21
N ILE B 63 -8.78 -3.07 11.57
CA ILE B 63 -8.10 -3.83 10.54
C ILE B 63 -9.10 -3.79 9.39
N LEU B 64 -8.72 -3.08 8.32
CA LEU B 64 -9.59 -2.94 7.17
C LEU B 64 -9.34 -4.04 6.14
N VAL B 65 -10.42 -4.57 5.58
CA VAL B 65 -10.34 -5.57 4.53
C VAL B 65 -11.18 -5.11 3.37
N ASP B 66 -10.71 -5.41 2.16
CA ASP B 66 -11.46 -5.11 0.96
C ASP B 66 -11.64 -3.66 0.59
N HIS B 67 -10.83 -2.77 1.15
CA HIS B 67 -10.94 -1.37 0.80
C HIS B 67 -9.78 -0.56 1.39
N SER B 68 -9.46 0.53 0.69
CA SER B 68 -8.38 1.41 1.09
C SER B 68 -8.78 2.83 0.68
N GLU B 69 -10.05 3.15 0.92
CA GLU B 69 -10.57 4.47 0.57
C GLU B 69 -11.32 5.07 1.76
N LYS B 70 -10.92 6.26 2.16
CA LYS B 70 -11.55 6.96 3.27
C LYS B 70 -13.07 7.04 3.10
N SER B 71 -13.53 7.50 1.95
CA SER B 71 -14.97 7.64 1.72
C SER B 71 -15.76 6.33 1.67
N GLN B 72 -15.10 5.20 1.86
CA GLN B 72 -15.75 3.89 1.85
C GLN B 72 -15.59 3.21 3.22
N SER B 73 -14.91 3.88 4.13
CA SER B 73 -14.65 3.35 5.47
C SER B 73 -15.34 4.22 6.52
N PHE B 74 -14.93 4.08 7.78
CA PHE B 74 -15.51 4.87 8.88
C PHE B 74 -15.35 6.35 8.56
N ASP B 75 -16.36 7.14 8.92
CA ASP B 75 -16.29 8.58 8.70
C ASP B 75 -15.21 9.16 9.60
N ASP B 76 -14.96 8.48 10.70
CA ASP B 76 -13.96 8.88 11.68
C ASP B 76 -12.83 7.86 11.78
N LEU B 77 -12.40 7.33 10.65
CA LEU B 77 -11.32 6.34 10.63
C LEU B 77 -10.13 6.86 11.44
N GLU B 78 -9.79 8.12 11.19
CA GLU B 78 -8.68 8.81 11.85
C GLU B 78 -8.65 8.65 13.36
N GLU B 79 -9.82 8.75 13.99
CA GLU B 79 -9.89 8.64 15.44
C GLU B 79 -9.71 7.22 15.95
N GLY B 80 -9.59 6.27 15.02
CA GLY B 80 -9.39 4.90 15.41
C GLY B 80 -7.92 4.57 15.36
N LYS B 81 -7.57 3.34 15.72
CA LYS B 81 -6.19 2.90 15.71
C LYS B 81 -6.03 1.89 14.58
N LEU B 82 -5.66 2.37 13.38
CA LEU B 82 -5.48 1.52 12.20
C LEU B 82 -4.31 0.54 12.38
N ILE B 83 -4.63 -0.74 12.46
CA ILE B 83 -3.63 -1.80 12.63
C ILE B 83 -3.12 -2.38 11.29
N ALA B 84 -4.03 -2.68 10.38
CA ALA B 84 -3.63 -3.27 9.11
C ALA B 84 -4.65 -3.08 8.00
N ILE B 85 -4.22 -3.38 6.77
CA ILE B 85 -5.07 -3.32 5.60
C ILE B 85 -4.75 -4.52 4.73
N ILE B 86 -5.77 -5.33 4.46
CA ILE B 86 -5.66 -6.53 3.63
C ILE B 86 -6.67 -6.27 2.52
N ASP B 87 -6.18 -6.04 1.31
CA ASP B 87 -7.06 -5.67 0.21
C ASP B 87 -6.62 -6.16 -1.17
N HIS B 88 -7.37 -5.72 -2.18
CA HIS B 88 -7.03 -6.05 -3.56
C HIS B 88 -7.46 -4.89 -4.47
N HIS B 89 -7.59 -3.71 -3.88
CA HIS B 89 -7.94 -2.52 -4.64
C HIS B 89 -6.69 -1.66 -4.69
N LYS B 90 -6.77 -0.54 -5.40
CA LYS B 90 -5.66 0.39 -5.51
C LYS B 90 -5.43 0.99 -4.12
N VAL B 91 -4.27 1.59 -3.90
CA VAL B 91 -4.00 2.21 -2.61
C VAL B 91 -4.70 3.58 -2.62
N GLY B 92 -5.59 3.80 -1.65
CA GLY B 92 -6.29 5.07 -1.59
C GLY B 92 -6.22 5.72 -0.23
N LEU B 93 -5.50 5.09 0.70
CA LEU B 93 -5.36 5.62 2.05
C LEU B 93 -3.91 5.82 2.44
N THR B 94 -3.59 7.02 2.93
CA THR B 94 -2.24 7.30 3.41
C THR B 94 -2.38 7.08 4.91
N THR B 95 -1.29 6.70 5.57
CA THR B 95 -1.33 6.47 7.00
C THR B 95 -0.32 7.37 7.71
N THR B 96 -0.53 7.55 9.01
CA THR B 96 0.32 8.41 9.81
C THR B 96 1.53 7.68 10.41
N GLU B 97 1.50 6.36 10.36
CA GLU B 97 2.59 5.55 10.90
C GLU B 97 2.67 4.24 10.13
N PRO B 98 3.83 3.56 10.20
CA PRO B 98 3.99 2.29 9.50
C PRO B 98 2.91 1.32 9.93
N ILE B 99 2.38 0.59 8.96
CA ILE B 99 1.28 -0.34 9.22
C ILE B 99 1.47 -1.62 8.43
N LEU B 100 0.80 -2.69 8.86
CA LEU B 100 0.85 -3.93 8.10
C LEU B 100 -0.08 -3.65 6.93
N TYR B 101 0.44 -3.73 5.72
CA TYR B 101 -0.37 -3.48 4.55
C TYR B 101 -0.11 -4.59 3.56
N TYR B 102 -1.16 -5.31 3.19
CA TYR B 102 -0.99 -6.41 2.24
C TYR B 102 -2.11 -6.44 1.21
N ALA B 103 -1.76 -6.09 -0.03
CA ALA B 103 -2.73 -6.10 -1.13
C ALA B 103 -2.15 -6.73 -2.40
N LYS B 104 -2.92 -7.61 -3.02
CA LYS B 104 -2.50 -8.27 -4.26
C LYS B 104 -3.56 -7.97 -5.30
N PRO B 105 -3.15 -7.66 -6.53
CA PRO B 105 -4.17 -7.38 -7.53
C PRO B 105 -4.86 -8.65 -8.06
N VAL B 106 -5.61 -9.34 -7.20
CA VAL B 106 -6.33 -10.54 -7.60
C VAL B 106 -7.84 -10.30 -7.63
N GLY B 107 -8.61 -11.36 -7.83
CA GLY B 107 -10.05 -11.23 -7.92
C GLY B 107 -10.78 -10.84 -6.65
N SER B 108 -10.21 -11.18 -5.48
CA SER B 108 -10.89 -10.86 -4.25
C SER B 108 -9.97 -10.88 -3.05
N THR B 109 -10.43 -10.23 -1.99
CA THR B 109 -9.68 -10.19 -0.74
C THR B 109 -9.63 -11.62 -0.19
N ALA B 110 -10.68 -12.39 -0.44
CA ALA B 110 -10.77 -13.77 0.02
C ALA B 110 -9.62 -14.60 -0.57
N THR B 111 -9.30 -14.37 -1.83
CA THR B 111 -8.22 -15.07 -2.51
C THR B 111 -6.90 -14.84 -1.77
N VAL B 112 -6.63 -13.59 -1.42
CA VAL B 112 -5.41 -13.24 -0.70
C VAL B 112 -5.30 -14.00 0.62
N ILE B 113 -6.39 -14.02 1.36
CA ILE B 113 -6.42 -14.70 2.66
C ILE B 113 -6.23 -16.20 2.52
N ALA B 114 -6.89 -16.79 1.53
CA ALA B 114 -6.81 -18.22 1.30
C ALA B 114 -5.40 -18.64 0.89
N GLU B 115 -4.76 -17.82 0.07
CA GLU B 115 -3.42 -18.15 -0.38
C GLU B 115 -2.48 -18.16 0.82
N LEU B 116 -2.70 -17.24 1.74
CA LEU B 116 -1.86 -17.20 2.93
C LEU B 116 -2.14 -18.44 3.76
N TYR B 117 -3.41 -18.82 3.80
CA TYR B 117 -3.80 -19.98 4.58
C TYR B 117 -3.17 -21.28 4.12
N PHE B 118 -3.34 -21.61 2.85
CA PHE B 118 -2.80 -22.86 2.33
C PHE B 118 -1.28 -22.91 2.33
N LYS B 119 -0.62 -21.76 2.24
CA LYS B 119 0.84 -21.74 2.28
C LYS B 119 1.31 -21.85 3.73
N ASP B 120 0.38 -21.99 4.67
CA ASP B 120 0.73 -22.09 6.08
C ASP B 120 1.47 -20.83 6.54
N ALA B 121 1.06 -19.68 6.01
CA ALA B 121 1.70 -18.43 6.36
C ALA B 121 0.72 -17.36 6.82
N ILE B 122 -0.39 -17.80 7.41
CA ILE B 122 -1.40 -16.85 7.87
C ILE B 122 -0.81 -15.98 9.00
N ASP B 123 0.22 -16.52 9.66
CA ASP B 123 0.87 -15.81 10.76
C ASP B 123 1.63 -14.59 10.26
N LEU B 124 1.82 -14.49 8.95
CA LEU B 124 2.50 -13.34 8.35
C LEU B 124 1.73 -12.06 8.60
N ILE B 125 0.40 -12.17 8.73
CA ILE B 125 -0.41 -10.98 8.97
C ILE B 125 -1.06 -10.99 10.35
N GLY B 126 -0.58 -11.87 11.22
CA GLY B 126 -1.12 -11.95 12.57
C GLY B 126 -1.91 -13.20 12.86
N GLY B 127 -2.15 -14.02 11.83
CA GLY B 127 -2.93 -15.24 12.00
C GLY B 127 -2.43 -16.15 13.10
N LYS B 128 -3.33 -16.99 13.63
CA LYS B 128 -2.97 -17.90 14.72
C LYS B 128 -2.95 -19.37 14.33
N LYS B 129 -2.62 -19.65 13.07
CA LYS B 129 -2.53 -21.01 12.56
C LYS B 129 -3.71 -21.94 12.87
N LYS B 130 -4.91 -21.36 12.91
CA LYS B 130 -6.12 -22.13 13.19
C LYS B 130 -6.51 -22.92 11.93
N GLU B 131 -7.42 -23.88 12.07
CA GLU B 131 -7.82 -24.65 10.91
C GLU B 131 -9.02 -24.07 10.19
N LEU B 132 -8.97 -24.07 8.87
CA LEU B 132 -10.07 -23.55 8.07
C LEU B 132 -11.17 -24.59 7.96
N LYS B 133 -12.24 -24.39 8.71
CA LYS B 133 -13.37 -25.32 8.68
C LYS B 133 -14.15 -25.16 7.38
N PRO B 134 -14.96 -26.16 7.02
CA PRO B 134 -15.76 -26.13 5.80
C PRO B 134 -16.65 -24.90 5.66
N ASP B 135 -17.30 -24.48 6.74
CA ASP B 135 -18.17 -23.31 6.68
C ASP B 135 -17.40 -22.05 6.27
N LEU B 136 -16.31 -21.75 6.95
CA LEU B 136 -15.53 -20.56 6.60
C LEU B 136 -14.90 -20.74 5.23
N ALA B 137 -14.55 -21.98 4.88
CA ALA B 137 -13.96 -22.25 3.57
C ALA B 137 -15.04 -21.92 2.52
N GLY B 138 -16.30 -22.19 2.88
CA GLY B 138 -17.41 -21.92 2.00
C GLY B 138 -17.59 -20.42 1.77
N LEU B 139 -17.34 -19.60 2.79
CA LEU B 139 -17.48 -18.16 2.63
C LEU B 139 -16.41 -17.60 1.72
N LEU B 140 -15.18 -18.07 1.90
CA LEU B 140 -14.07 -17.61 1.08
C LEU B 140 -14.37 -17.98 -0.36
N LEU B 141 -14.91 -19.19 -0.55
CA LEU B 141 -15.26 -19.68 -1.86
C LEU B 141 -16.30 -18.77 -2.48
N SER B 142 -17.34 -18.47 -1.71
CA SER B 142 -18.41 -17.61 -2.18
C SER B 142 -17.87 -16.23 -2.53
N ALA B 143 -16.98 -15.72 -1.69
CA ALA B 143 -16.38 -14.41 -1.90
C ALA B 143 -15.65 -14.37 -3.23
N ILE B 144 -14.86 -15.40 -3.51
CA ILE B 144 -14.11 -15.46 -4.76
C ILE B 144 -15.06 -15.46 -5.95
N ILE B 145 -16.04 -16.36 -5.92
CA ILE B 145 -17.02 -16.45 -6.99
C ILE B 145 -17.76 -15.14 -7.17
N SER B 146 -18.15 -14.53 -6.06
CA SER B 146 -18.89 -13.28 -6.11
C SER B 146 -18.07 -12.16 -6.71
N ASP B 147 -16.86 -11.98 -6.21
CA ASP B 147 -16.01 -10.91 -6.69
C ASP B 147 -15.57 -11.03 -8.15
N THR B 148 -15.35 -12.26 -8.61
CA THR B 148 -14.92 -12.47 -9.98
C THR B 148 -16.11 -12.67 -10.91
N VAL B 149 -17.31 -12.72 -10.34
CA VAL B 149 -18.52 -12.95 -11.14
C VAL B 149 -18.31 -14.28 -11.86
N LEU B 150 -18.02 -15.30 -11.06
CA LEU B 150 -17.79 -16.65 -11.56
C LEU B 150 -16.64 -16.67 -12.58
N PHE B 151 -15.53 -16.04 -12.20
CA PHE B 151 -14.34 -16.00 -13.03
C PHE B 151 -14.53 -15.35 -14.41
N LYS B 152 -15.55 -14.51 -14.54
CA LYS B 152 -15.80 -13.84 -15.81
C LYS B 152 -15.10 -12.49 -15.86
N SER B 153 -14.98 -11.86 -14.69
CA SER B 153 -14.33 -10.56 -14.61
C SER B 153 -12.84 -10.63 -14.94
N PRO B 154 -12.30 -9.57 -15.55
CA PRO B 154 -10.87 -9.56 -15.89
C PRO B 154 -9.95 -9.49 -14.68
N THR B 155 -10.50 -9.34 -13.49
CA THR B 155 -9.68 -9.31 -12.28
C THR B 155 -9.34 -10.76 -11.94
N THR B 156 -10.10 -11.69 -12.51
CA THR B 156 -9.88 -13.10 -12.26
C THR B 156 -8.47 -13.46 -12.69
N THR B 157 -7.77 -14.17 -11.81
CA THR B 157 -6.42 -14.63 -12.07
C THR B 157 -6.41 -16.13 -11.78
N ASP B 158 -5.32 -16.79 -12.18
CA ASP B 158 -5.17 -18.22 -11.98
C ASP B 158 -5.26 -18.53 -10.50
N LEU B 159 -4.73 -17.65 -9.69
CA LEU B 159 -4.75 -17.82 -8.24
C LEU B 159 -6.19 -17.95 -7.77
N ASP B 160 -7.05 -17.06 -8.24
CA ASP B 160 -8.47 -17.09 -7.86
C ASP B 160 -9.07 -18.47 -8.13
N LYS B 161 -8.81 -19.02 -9.30
CA LYS B 161 -9.35 -20.33 -9.66
C LYS B 161 -8.73 -21.43 -8.82
N GLU B 162 -7.41 -21.38 -8.66
CA GLU B 162 -6.68 -22.38 -7.88
C GLU B 162 -7.20 -22.42 -6.44
N MET B 163 -7.41 -21.25 -5.88
CA MET B 163 -7.90 -21.15 -4.52
C MET B 163 -9.35 -21.63 -4.41
N ALA B 164 -10.17 -21.28 -5.38
CA ALA B 164 -11.56 -21.69 -5.41
C ALA B 164 -11.67 -23.21 -5.34
N LYS B 165 -10.91 -23.90 -6.19
CA LYS B 165 -10.96 -25.35 -6.22
C LYS B 165 -10.62 -25.99 -4.87
N LYS B 166 -9.57 -25.48 -4.23
CA LYS B 166 -9.14 -26.02 -2.94
C LYS B 166 -10.15 -25.72 -1.84
N LEU B 167 -10.79 -24.55 -1.91
CA LEU B 167 -11.78 -24.16 -0.91
C LEU B 167 -13.04 -25.00 -1.07
N ALA B 168 -13.42 -25.24 -2.32
CA ALA B 168 -14.60 -26.07 -2.63
C ALA B 168 -14.42 -27.46 -2.03
N GLU B 169 -13.18 -27.93 -2.07
CA GLU B 169 -12.84 -29.25 -1.53
C GLU B 169 -13.10 -29.31 -0.03
N ILE B 170 -12.71 -28.25 0.68
CA ILE B 170 -12.90 -28.19 2.12
C ILE B 170 -14.36 -27.95 2.48
N ALA B 171 -15.01 -27.07 1.74
CA ALA B 171 -16.42 -26.72 2.00
C ALA B 171 -17.37 -27.82 1.55
N GLY B 172 -16.85 -28.82 0.86
CA GLY B 172 -17.70 -29.89 0.39
C GLY B 172 -18.59 -29.46 -0.77
N ILE B 173 -18.13 -28.51 -1.57
CA ILE B 173 -18.88 -28.05 -2.73
C ILE B 173 -18.31 -28.77 -3.95
N SER B 174 -19.05 -29.78 -4.42
CA SER B 174 -18.63 -30.60 -5.55
C SER B 174 -18.68 -29.94 -6.92
N ASN B 175 -19.61 -29.00 -7.13
CA ASN B 175 -19.74 -28.33 -8.41
C ASN B 175 -19.74 -26.81 -8.25
N ILE B 176 -18.58 -26.19 -8.47
CA ILE B 176 -18.44 -24.74 -8.34
C ILE B 176 -19.31 -23.99 -9.34
N GLU B 177 -19.43 -24.52 -10.55
CA GLU B 177 -20.22 -23.88 -11.60
C GLU B 177 -21.69 -23.76 -11.23
N GLU B 178 -22.25 -24.79 -10.62
CA GLU B 178 -23.66 -24.78 -10.23
C GLU B 178 -23.87 -23.81 -9.07
N PHE B 179 -22.98 -23.86 -8.08
CA PHE B 179 -23.09 -22.97 -6.95
C PHE B 179 -22.96 -21.53 -7.45
N GLY B 180 -22.03 -21.32 -8.38
CA GLY B 180 -21.81 -20.01 -8.95
C GLY B 180 -23.03 -19.47 -9.67
N MET B 181 -23.76 -20.33 -10.36
CA MET B 181 -24.95 -19.89 -11.07
C MET B 181 -25.91 -19.28 -10.06
N GLU B 182 -26.02 -19.92 -8.89
CA GLU B 182 -26.88 -19.46 -7.82
C GLU B 182 -26.47 -18.06 -7.38
N ILE B 183 -25.17 -17.89 -7.15
CA ILE B 183 -24.65 -16.59 -6.76
C ILE B 183 -24.98 -15.56 -7.84
N LEU B 184 -24.83 -15.94 -9.10
CA LEU B 184 -25.14 -15.01 -10.20
C LEU B 184 -26.61 -14.65 -10.21
N LYS B 185 -27.47 -15.61 -9.84
CA LYS B 185 -28.90 -15.35 -9.81
C LYS B 185 -29.21 -14.46 -8.59
N ALA B 186 -28.34 -14.51 -7.59
CA ALA B 186 -28.49 -13.71 -6.39
C ALA B 186 -28.18 -12.24 -6.68
N LYS B 187 -27.15 -11.98 -7.48
CA LYS B 187 -26.81 -10.61 -7.83
C LYS B 187 -27.97 -10.03 -8.66
N SER B 188 -28.52 -10.86 -9.54
CA SER B 188 -29.60 -10.45 -10.42
C SER B 188 -30.87 -9.97 -9.70
N VAL B 189 -31.20 -10.55 -8.55
CA VAL B 189 -32.42 -10.14 -7.86
C VAL B 189 -32.41 -8.66 -7.51
N VAL B 190 -31.22 -8.07 -7.42
CA VAL B 190 -31.10 -6.64 -7.11
C VAL B 190 -31.86 -5.87 -8.18
N GLY B 191 -31.88 -6.43 -9.38
CA GLY B 191 -32.58 -5.79 -10.48
C GLY B 191 -34.06 -5.69 -10.20
N LYS B 192 -34.57 -6.63 -9.40
CA LYS B 192 -35.99 -6.65 -9.03
C LYS B 192 -36.36 -5.61 -7.99
N LEU B 193 -35.36 -5.04 -7.32
CA LEU B 193 -35.60 -4.04 -6.29
C LEU B 193 -35.94 -2.66 -6.84
N LYS B 194 -36.46 -1.79 -5.99
CA LYS B 194 -36.83 -0.44 -6.39
C LYS B 194 -35.57 0.39 -6.72
N PRO B 195 -35.70 1.31 -7.68
CA PRO B 195 -34.59 2.19 -8.10
C PRO B 195 -33.64 2.64 -6.99
N GLU B 196 -34.20 3.18 -5.91
CA GLU B 196 -33.37 3.64 -4.80
C GLU B 196 -32.49 2.52 -4.22
N GLU B 197 -33.07 1.33 -4.05
CA GLU B 197 -32.33 0.19 -3.49
C GLU B 197 -31.19 -0.27 -4.42
N ILE B 198 -31.47 -0.26 -5.72
CA ILE B 198 -30.49 -0.66 -6.71
C ILE B 198 -29.30 0.30 -6.70
N ILE B 199 -29.57 1.57 -6.48
CA ILE B 199 -28.54 2.58 -6.46
C ILE B 199 -27.61 2.45 -5.26
N ASN B 200 -28.19 2.27 -4.08
CA ASN B 200 -27.40 2.18 -2.87
C ASN B 200 -26.78 0.81 -2.57
N MET B 201 -27.31 -0.23 -3.19
CA MET B 201 -26.81 -1.58 -2.94
C MET B 201 -25.30 -1.71 -3.09
N ASP B 202 -24.73 -1.13 -4.14
CA ASP B 202 -23.30 -1.26 -4.37
C ASP B 202 -22.67 0.02 -4.90
N PHE B 203 -22.91 1.12 -4.20
CA PHE B 203 -22.38 2.42 -4.60
C PHE B 203 -21.08 2.71 -3.85
N LYS B 204 -20.03 3.05 -4.60
CA LYS B 204 -18.74 3.36 -4.01
C LYS B 204 -18.40 4.83 -4.25
N ASN B 205 -17.85 5.49 -3.24
CA ASN B 205 -17.47 6.88 -3.36
C ASN B 205 -15.95 7.00 -3.41
N PHE B 206 -15.45 7.94 -4.20
CA PHE B 206 -14.00 8.13 -4.33
C PHE B 206 -13.59 9.59 -4.30
N ASP B 207 -12.29 9.81 -4.11
CA ASP B 207 -11.73 11.14 -4.14
C ASP B 207 -10.70 11.09 -5.27
N PHE B 208 -10.99 11.72 -6.39
CA PHE B 208 -10.08 11.74 -7.52
C PHE B 208 -9.48 13.12 -7.69
N ASN B 209 -8.25 13.29 -7.19
CA ASN B 209 -7.56 14.57 -7.31
C ASN B 209 -8.48 15.70 -6.80
N GLY B 210 -8.96 15.53 -5.57
CA GLY B 210 -9.83 16.53 -4.97
C GLY B 210 -11.29 16.48 -5.37
N LYS B 211 -11.63 15.70 -6.39
CA LYS B 211 -13.02 15.63 -6.84
C LYS B 211 -13.80 14.44 -6.29
N LYS B 212 -15.04 14.71 -5.90
CA LYS B 212 -15.90 13.68 -5.35
C LYS B 212 -16.57 12.93 -6.50
N VAL B 213 -16.20 11.66 -6.67
CA VAL B 213 -16.79 10.84 -7.72
C VAL B 213 -17.43 9.61 -7.13
N GLY B 214 -18.55 9.21 -7.70
CA GLY B 214 -19.26 8.04 -7.24
C GLY B 214 -19.41 7.07 -8.39
N ILE B 215 -19.25 5.78 -8.10
CA ILE B 215 -19.39 4.76 -9.13
C ILE B 215 -20.22 3.63 -8.56
N GLY B 216 -21.46 3.53 -9.03
CA GLY B 216 -22.35 2.49 -8.56
C GLY B 216 -22.40 1.39 -9.60
N GLN B 217 -23.00 0.26 -9.25
CA GLN B 217 -23.05 -0.86 -10.17
C GLN B 217 -24.08 -1.92 -9.81
N VAL B 218 -24.63 -2.55 -10.83
CA VAL B 218 -25.57 -3.63 -10.62
C VAL B 218 -25.19 -4.68 -11.66
N GLU B 219 -25.21 -5.95 -11.26
CA GLU B 219 -24.84 -7.05 -12.14
C GLU B 219 -26.03 -7.99 -12.31
N VAL B 220 -26.51 -8.15 -13.54
CA VAL B 220 -27.66 -9.02 -13.78
C VAL B 220 -27.49 -9.93 -14.98
N ILE B 221 -28.29 -10.97 -15.02
CA ILE B 221 -28.24 -11.93 -16.11
C ILE B 221 -29.13 -11.44 -17.26
N ASP B 222 -30.23 -10.79 -16.91
CA ASP B 222 -31.16 -10.23 -17.88
C ASP B 222 -31.34 -8.76 -17.50
N VAL B 223 -30.77 -7.86 -18.30
CA VAL B 223 -30.83 -6.43 -17.99
C VAL B 223 -32.17 -5.76 -18.25
N SER B 224 -33.05 -6.41 -19.01
CA SER B 224 -34.34 -5.82 -19.34
C SER B 224 -35.09 -5.17 -18.19
N GLU B 225 -35.14 -5.82 -17.03
CA GLU B 225 -35.85 -5.20 -15.91
C GLU B 225 -35.14 -3.97 -15.37
N VAL B 226 -33.82 -3.98 -15.37
CA VAL B 226 -33.09 -2.82 -14.89
C VAL B 226 -33.25 -1.69 -15.90
N GLU B 227 -33.36 -2.06 -17.18
CA GLU B 227 -33.50 -1.06 -18.21
C GLU B 227 -34.84 -0.34 -18.10
N SER B 228 -35.86 -1.05 -17.61
CA SER B 228 -37.18 -0.48 -17.44
C SER B 228 -37.22 0.46 -16.24
N LYS B 229 -36.12 0.53 -15.51
CA LYS B 229 -36.01 1.39 -14.34
C LYS B 229 -34.90 2.41 -14.57
N LYS B 230 -34.20 2.26 -15.70
CA LYS B 230 -33.08 3.14 -16.07
C LYS B 230 -33.41 4.63 -15.89
N GLU B 231 -34.57 5.03 -16.41
CA GLU B 231 -35.04 6.41 -16.34
C GLU B 231 -35.14 6.88 -14.89
N ASP B 232 -35.91 6.17 -14.08
CA ASP B 232 -36.07 6.53 -12.69
C ASP B 232 -34.73 6.53 -11.97
N ILE B 233 -33.88 5.56 -12.28
CA ILE B 233 -32.57 5.46 -11.66
C ILE B 233 -31.74 6.71 -11.98
N TYR B 234 -31.79 7.14 -13.24
CA TYR B 234 -31.05 8.33 -13.65
C TYR B 234 -31.49 9.58 -12.90
N LYS B 235 -32.80 9.77 -12.80
CA LYS B 235 -33.35 10.92 -12.09
C LYS B 235 -32.78 10.95 -10.67
N LEU B 236 -32.87 9.81 -9.98
CA LEU B 236 -32.37 9.72 -8.62
C LEU B 236 -30.87 10.03 -8.58
N LEU B 237 -30.12 9.58 -9.58
CA LEU B 237 -28.69 9.84 -9.59
C LEU B 237 -28.41 11.34 -9.81
N GLU B 238 -29.32 12.02 -10.50
CA GLU B 238 -29.17 13.44 -10.76
C GLU B 238 -29.35 14.20 -9.46
N GLU B 239 -30.28 13.70 -8.64
CA GLU B 239 -30.57 14.30 -7.34
C GLU B 239 -29.44 14.04 -6.37
N LYS B 240 -28.91 12.82 -6.39
CA LYS B 240 -27.82 12.44 -5.52
C LYS B 240 -26.59 13.29 -5.84
N LEU B 241 -26.38 13.54 -7.12
CA LEU B 241 -25.24 14.32 -7.59
C LEU B 241 -25.15 15.71 -6.95
N LYS B 242 -26.18 16.53 -7.16
CA LYS B 242 -26.19 17.89 -6.61
C LYS B 242 -26.36 18.01 -5.10
N ASN B 243 -27.12 17.11 -4.49
CA ASN B 243 -27.35 17.18 -3.06
C ASN B 243 -26.19 16.70 -2.21
N GLU B 244 -25.38 15.79 -2.74
CA GLU B 244 -24.24 15.28 -1.98
C GLU B 244 -22.93 15.83 -2.55
N GLY B 245 -23.06 16.77 -3.48
CA GLY B 245 -21.91 17.42 -4.08
C GLY B 245 -20.92 16.56 -4.86
N TYR B 246 -21.44 15.66 -5.68
CA TYR B 246 -20.57 14.81 -6.49
C TYR B 246 -20.15 15.58 -7.74
N ASP B 247 -18.87 15.51 -8.10
CA ASP B 247 -18.42 16.18 -9.30
C ASP B 247 -18.87 15.30 -10.47
N LEU B 248 -18.95 14.00 -10.22
CA LEU B 248 -19.37 13.02 -11.23
C LEU B 248 -19.88 11.70 -10.65
N ILE B 249 -20.84 11.12 -11.35
CA ILE B 249 -21.41 9.83 -10.96
C ILE B 249 -21.59 8.95 -12.20
N VAL B 250 -21.14 7.70 -12.06
CA VAL B 250 -21.22 6.71 -13.13
C VAL B 250 -21.88 5.48 -12.50
N PHE B 251 -22.92 4.96 -13.15
CA PHE B 251 -23.60 3.77 -12.65
C PHE B 251 -23.50 2.71 -13.72
N LEU B 252 -22.91 1.58 -13.35
CA LEU B 252 -22.71 0.48 -14.27
C LEU B 252 -23.81 -0.58 -14.25
N ILE B 253 -24.53 -0.68 -15.36
CA ILE B 253 -25.56 -1.70 -15.48
C ILE B 253 -24.77 -2.82 -16.16
N THR B 254 -24.26 -3.75 -15.37
CA THR B 254 -23.42 -4.84 -15.89
C THR B 254 -24.20 -6.07 -16.37
N ASP B 255 -24.03 -6.37 -17.65
CA ASP B 255 -24.68 -7.51 -18.26
C ASP B 255 -23.73 -8.71 -18.10
N ILE B 256 -24.04 -9.55 -17.13
CA ILE B 256 -23.18 -10.71 -16.85
C ILE B 256 -22.93 -11.60 -18.06
N MET B 257 -23.94 -11.84 -18.88
CA MET B 257 -23.74 -12.70 -20.05
C MET B 257 -22.94 -12.02 -21.17
N LYS B 258 -23.25 -10.77 -21.49
CA LYS B 258 -22.50 -10.07 -22.53
C LYS B 258 -21.18 -9.55 -21.99
N GLU B 259 -20.97 -9.71 -20.68
CA GLU B 259 -19.73 -9.26 -20.06
C GLU B 259 -19.40 -7.83 -20.48
N GLY B 260 -20.37 -6.95 -20.29
CA GLY B 260 -20.21 -5.54 -20.63
C GLY B 260 -21.06 -4.70 -19.70
N SER B 261 -20.87 -3.39 -19.73
CA SER B 261 -21.65 -2.53 -18.86
C SER B 261 -22.18 -1.29 -19.55
N GLU B 262 -23.42 -0.95 -19.24
CA GLU B 262 -24.02 0.26 -19.80
C GLU B 262 -23.70 1.29 -18.73
N ALA B 263 -22.91 2.30 -19.08
CA ALA B 263 -22.57 3.32 -18.12
C ALA B 263 -23.50 4.52 -18.18
N LEU B 264 -24.08 4.87 -17.03
CA LEU B 264 -24.94 6.05 -16.93
C LEU B 264 -24.01 7.14 -16.45
N VAL B 265 -24.00 8.27 -17.15
CA VAL B 265 -23.10 9.36 -16.78
C VAL B 265 -23.81 10.62 -16.30
N VAL B 266 -23.48 11.04 -15.09
CA VAL B 266 -24.08 12.21 -14.48
C VAL B 266 -23.02 13.20 -13.96
N GLY B 267 -23.14 14.46 -14.36
CA GLY B 267 -22.19 15.46 -13.93
C GLY B 267 -21.13 15.79 -14.97
N ASN B 268 -19.86 15.56 -14.60
CA ASN B 268 -18.75 15.84 -15.48
C ASN B 268 -18.59 14.84 -16.64
N LYS B 269 -19.52 14.90 -17.60
CA LYS B 269 -19.47 13.99 -18.74
C LYS B 269 -18.18 14.13 -19.55
N GLU B 270 -17.66 15.35 -19.60
CA GLU B 270 -16.43 15.66 -20.32
C GLU B 270 -15.28 14.78 -19.81
N MET B 271 -15.11 14.76 -18.49
CA MET B 271 -14.04 13.98 -17.88
C MET B 271 -14.19 12.49 -18.15
N PHE B 272 -15.43 12.05 -18.29
CA PHE B 272 -15.74 10.64 -18.57
C PHE B 272 -15.33 10.31 -20.01
N GLU B 273 -15.81 11.14 -20.93
CA GLU B 273 -15.52 10.95 -22.34
C GLU B 273 -14.01 10.97 -22.56
N LYS B 274 -13.30 11.76 -21.77
CA LYS B 274 -11.85 11.85 -21.89
C LYS B 274 -11.27 10.54 -21.35
N ALA B 275 -11.79 10.12 -20.20
CA ALA B 275 -11.33 8.89 -19.56
C ALA B 275 -11.49 7.65 -20.45
N PHE B 276 -12.57 7.60 -21.23
CA PHE B 276 -12.80 6.42 -22.06
C PHE B 276 -12.73 6.56 -23.57
N ASN B 277 -12.02 7.58 -24.05
CA ASN B 277 -11.87 7.79 -25.48
C ASN B 277 -13.18 7.56 -26.21
N VAL B 278 -14.27 8.11 -25.69
CA VAL B 278 -15.57 7.93 -26.33
C VAL B 278 -16.55 9.03 -25.95
N LYS B 279 -17.22 9.60 -26.96
CA LYS B 279 -18.21 10.65 -26.73
C LYS B 279 -19.54 9.99 -26.37
N VAL B 280 -20.23 10.54 -25.38
CA VAL B 280 -21.52 9.98 -24.95
C VAL B 280 -22.73 10.51 -25.71
N GLU B 281 -23.56 9.59 -26.18
CA GLU B 281 -24.78 9.93 -26.90
C GLU B 281 -25.93 9.75 -25.91
N GLY B 282 -26.51 10.86 -25.48
CA GLY B 282 -27.58 10.80 -24.52
C GLY B 282 -26.97 10.96 -23.14
N ASN B 283 -27.35 10.10 -22.19
CA ASN B 283 -26.77 10.19 -20.86
C ASN B 283 -26.03 8.90 -20.47
N SER B 284 -25.87 8.00 -21.43
CA SER B 284 -25.19 6.73 -21.17
C SER B 284 -24.48 6.19 -22.41
N VAL B 285 -23.68 5.14 -22.19
CA VAL B 285 -22.95 4.48 -23.27
C VAL B 285 -22.64 3.05 -22.82
N PHE B 286 -22.66 2.12 -23.76
CA PHE B 286 -22.36 0.74 -23.43
C PHE B 286 -20.86 0.51 -23.58
N LEU B 287 -20.22 0.05 -22.51
CA LEU B 287 -18.79 -0.20 -22.55
C LEU B 287 -18.56 -1.70 -22.74
N GLU B 288 -18.07 -2.05 -23.92
CA GLU B 288 -17.79 -3.43 -24.28
C GLU B 288 -16.67 -4.07 -23.48
N GLY B 289 -16.95 -5.25 -22.93
CA GLY B 289 -15.96 -5.98 -22.16
C GLY B 289 -15.71 -5.45 -20.77
N VAL B 290 -16.31 -4.31 -20.45
CA VAL B 290 -16.14 -3.68 -19.14
C VAL B 290 -17.03 -4.29 -18.04
N MET B 291 -16.41 -5.00 -17.10
CA MET B 291 -17.12 -5.61 -15.99
C MET B 291 -16.56 -5.20 -14.64
N SER B 292 -15.29 -4.83 -14.62
CA SER B 292 -14.62 -4.47 -13.37
C SER B 292 -14.46 -2.99 -13.09
N ARG B 293 -15.09 -2.57 -12.00
CA ARG B 293 -15.02 -1.20 -11.57
C ARG B 293 -13.57 -0.86 -11.24
N LYS B 294 -12.96 -1.67 -10.38
CA LYS B 294 -11.60 -1.44 -9.93
C LYS B 294 -10.51 -1.60 -10.99
N LYS B 295 -10.79 -2.34 -12.05
CA LYS B 295 -9.78 -2.56 -13.06
C LYS B 295 -10.02 -1.89 -14.40
N GLN B 296 -11.28 -1.63 -14.72
CA GLN B 296 -11.61 -1.04 -16.01
C GLN B 296 -12.24 0.35 -15.96
N VAL B 297 -12.81 0.72 -14.82
CA VAL B 297 -13.46 2.02 -14.71
C VAL B 297 -12.70 3.05 -13.87
N VAL B 298 -12.23 2.65 -12.70
CA VAL B 298 -11.50 3.58 -11.84
C VAL B 298 -10.16 4.06 -12.42
N PRO B 299 -9.32 3.13 -12.90
CA PRO B 299 -8.02 3.53 -13.45
C PRO B 299 -8.02 4.64 -14.49
N PRO B 300 -8.80 4.49 -15.58
CA PRO B 300 -8.83 5.53 -16.62
C PRO B 300 -9.50 6.81 -16.16
N LEU B 301 -10.47 6.67 -15.26
CA LEU B 301 -11.20 7.80 -14.73
C LEU B 301 -10.35 8.62 -13.75
N GLU B 302 -9.70 7.96 -12.79
CA GLU B 302 -8.87 8.72 -11.86
C GLU B 302 -7.64 9.26 -12.57
N ARG B 303 -7.18 8.59 -13.61
CA ARG B 303 -6.03 9.06 -14.34
C ARG B 303 -6.42 10.31 -15.11
N ALA B 304 -7.64 10.32 -15.64
CA ALA B 304 -8.12 11.49 -16.38
C ALA B 304 -8.22 12.68 -15.44
N TYR B 305 -8.79 12.47 -14.26
CA TYR B 305 -8.95 13.54 -13.29
C TYR B 305 -7.67 14.20 -12.81
N ASN B 306 -6.70 13.41 -12.36
CA ASN B 306 -5.47 14.03 -11.88
C ASN B 306 -4.48 14.26 -13.01
N GLY B 307 -4.66 13.54 -14.10
CA GLY B 307 -3.78 13.72 -15.24
C GLY B 307 -3.85 15.16 -15.72
MN MN C . 15.82 4.06 2.81
MN MN D . 14.71 1.15 4.62
MN MN E . -13.49 -7.46 -2.99
MN MN F . -15.91 -5.32 -1.94
#